data_3ZP3
#
_entry.id   3ZP3
#
_cell.length_a   101.070
_cell.length_b   101.070
_cell.length_c   449.210
_cell.angle_alpha   90.00
_cell.angle_beta   90.00
_cell.angle_gamma   120.00
#
_symmetry.space_group_name_H-M   'H 3 2'
#
loop_
_entity.id
_entity.type
_entity.pdbx_description
1 polymer HAEMAGGLUTININ
2 polymer HAEMAGGLUTININ
3 non-polymer 'N-acetyl-alpha-neuraminic acid'
4 non-polymer beta-D-galactopyranose
5 non-polymer 2-acetamido-2-deoxy-beta-D-glucopyranose
6 water water
#
loop_
_entity_poly.entity_id
_entity_poly.type
_entity_poly.pdbx_seq_one_letter_code
_entity_poly.pdbx_strand_id
1 'polypeptide(L)'
;MEKIVLLFAIVSLVKSDQICIGYHANNSTEQVDTIMEKNVTVTHAQDILEKKHNGKLCDLDGVKPLILRDCSVAGWLLGN
PMCDEFINVPEWSYIVEKANPVNDLCYPGDFNDYEELKHLLSRINHFEKIQIIPKSSWSSHEASLGVSSVCPYQGKSSFF
RNVVWLIKKNSTYPTIKRSYNNTNQEDLLVLWGIHHPNDAAEQTKLYQNPTTYISVGTSTLNQRLVPRIATRSKVNGQSG
RMEFFWTILKPNDAINFESNGNFIAPEYAYKIVKKGDSTIMKSELEYGNCNTKCQTPMGAINSSMPFHNIHPLTIGECPK
YVKSNRLVLATGLRNSPQRE
;
E
2 'polypeptide(L)'
;GLFGAIAGFIEGGWQGMVDGWYGYHHSNEQGSGYAADKESTQKAIDGVTNKVNSIIDKMNTQFEAVGREFNNLERRIENL
NKKMEDGFLDVWTYNAELLVLMENERTLDFHDSNVKNLYDKVRLQLRDNAKELGNGCFEFYHKCDNECMESVRNGTYDYP
;
F
#
loop_
_chem_comp.id
_chem_comp.type
_chem_comp.name
_chem_comp.formula
GAL D-saccharide, beta linking beta-D-galactopyranose 'C6 H12 O6'
NAG D-saccharide, beta linking 2-acetamido-2-deoxy-beta-D-glucopyranose 'C8 H15 N O6'
SIA D-saccharide, alpha linking 'N-acetyl-alpha-neuraminic acid' 'C11 H19 N O9'
#
# COMPACT_ATOMS: atom_id res chain seq x y z
N ASP A 17 26.15 -28.03 -51.07
CA ASP A 17 25.03 -28.30 -50.12
C ASP A 17 25.52 -28.18 -48.70
N GLN A 18 24.69 -27.53 -47.89
CA GLN A 18 25.08 -26.94 -46.63
C GLN A 18 23.88 -26.92 -45.73
N ILE A 19 24.11 -27.31 -44.48
CA ILE A 19 23.13 -27.08 -43.44
C ILE A 19 23.79 -26.31 -42.29
N CYS A 20 23.03 -25.43 -41.65
CA CYS A 20 23.55 -24.52 -40.66
C CYS A 20 22.66 -24.53 -39.44
N ILE A 21 23.25 -24.33 -38.26
CA ILE A 21 22.46 -24.14 -37.05
C ILE A 21 22.47 -22.65 -36.74
N GLY A 22 21.36 -22.11 -36.23
CA GLY A 22 21.27 -20.70 -35.97
C GLY A 22 20.12 -20.40 -35.05
N TYR A 23 19.93 -19.12 -34.78
CA TYR A 23 18.97 -18.69 -33.80
C TYR A 23 18.27 -17.43 -34.31
N HIS A 24 17.19 -17.09 -33.64
CA HIS A 24 16.25 -16.04 -34.02
C HIS A 24 16.81 -14.64 -33.81
N ALA A 25 16.56 -13.74 -34.75
CA ALA A 25 16.68 -12.31 -34.47
C ALA A 25 15.37 -11.71 -34.92
N ASN A 26 15.07 -10.53 -34.43
CA ASN A 26 13.89 -9.81 -34.85
C ASN A 26 14.16 -8.30 -34.74
N ASN A 27 13.13 -7.47 -34.65
CA ASN A 27 13.37 -6.03 -34.74
C ASN A 27 13.26 -5.37 -33.37
N SER A 28 13.25 -6.22 -32.36
CA SER A 28 13.17 -5.81 -30.96
C SER A 28 14.29 -4.88 -30.56
N THR A 29 13.92 -3.97 -29.67
CA THR A 29 14.69 -2.85 -29.26
C THR A 29 14.75 -2.93 -27.73
N GLU A 30 13.88 -3.78 -27.17
CA GLU A 30 13.87 -4.14 -25.73
C GLU A 30 15.26 -4.50 -25.17
N GLN A 31 15.58 -3.90 -24.04
CA GLN A 31 16.90 -4.02 -23.43
C GLN A 31 16.82 -4.56 -22.00
N VAL A 32 17.77 -5.41 -21.63
CA VAL A 32 17.88 -5.88 -20.24
C VAL A 32 19.28 -5.68 -19.72
N ASP A 33 19.39 -5.54 -18.40
CA ASP A 33 20.70 -5.48 -17.77
C ASP A 33 21.16 -6.82 -17.22
N THR A 34 22.47 -7.02 -17.21
CA THR A 34 23.13 -8.13 -16.48
C THR A 34 24.23 -7.56 -15.55
N ILE A 35 24.84 -8.42 -14.73
CA ILE A 35 25.99 -8.08 -13.89
C ILE A 35 27.18 -7.56 -14.70
N MET A 36 27.48 -8.22 -15.82
CA MET A 36 28.65 -7.86 -16.64
C MET A 36 28.36 -6.88 -17.79
N GLU A 37 27.09 -6.62 -18.08
CA GLU A 37 26.77 -5.82 -19.23
C GLU A 37 25.41 -5.19 -19.09
N LYS A 38 25.37 -3.88 -19.30
CA LYS A 38 24.14 -3.13 -19.24
C LYS A 38 23.59 -2.98 -20.66
N ASN A 39 22.27 -2.83 -20.77
CA ASN A 39 21.63 -2.59 -22.07
C ASN A 39 21.95 -3.60 -23.16
N VAL A 40 21.66 -4.86 -22.89
CA VAL A 40 21.74 -5.90 -23.90
C VAL A 40 20.40 -5.91 -24.62
N THR A 41 20.41 -5.86 -25.95
CA THR A 41 19.15 -5.93 -26.67
C THR A 41 18.77 -7.38 -26.78
N VAL A 42 17.53 -7.67 -26.43
CA VAL A 42 17.00 -9.03 -26.49
C VAL A 42 15.82 -9.13 -27.44
N THR A 43 15.70 -10.28 -28.10
CA THR A 43 14.54 -10.57 -28.94
C THR A 43 13.21 -10.48 -28.20
N HIS A 44 13.14 -10.90 -26.93
CA HIS A 44 11.92 -10.83 -26.10
C HIS A 44 12.21 -10.54 -24.62
N ALA A 45 11.27 -9.91 -23.94
CA ALA A 45 11.47 -9.46 -22.57
C ALA A 45 10.17 -9.40 -21.82
N GLN A 46 10.24 -9.31 -20.50
CA GLN A 46 9.04 -9.15 -19.71
C GLN A 46 9.25 -8.10 -18.63
N ASP A 47 8.57 -6.97 -18.76
CA ASP A 47 8.65 -5.91 -17.77
C ASP A 47 7.75 -6.33 -16.62
N ILE A 48 8.25 -6.20 -15.39
CA ILE A 48 7.53 -6.70 -14.22
C ILE A 48 7.25 -5.62 -13.19
N LEU A 49 7.58 -4.37 -13.53
CA LEU A 49 7.40 -3.24 -12.63
C LEU A 49 6.31 -2.29 -13.15
N GLU A 50 5.29 -2.06 -12.33
CA GLU A 50 4.19 -1.17 -12.71
C GLU A 50 4.61 0.24 -12.36
N LYS A 51 4.59 1.13 -13.35
CA LYS A 51 5.09 2.48 -13.13
C LYS A 51 3.94 3.50 -13.17
N LYS A 52 2.75 3.04 -13.51
CA LYS A 52 1.59 3.90 -13.78
C LYS A 52 0.49 3.76 -12.74
N HIS A 53 -0.19 4.88 -12.48
CA HIS A 53 -1.40 4.88 -11.67
C HIS A 53 -2.39 5.92 -12.22
N ASN A 54 -3.64 5.90 -11.79
CA ASN A 54 -4.66 6.79 -12.35
C ASN A 54 -4.81 8.12 -11.61
N GLY A 55 -4.02 8.33 -10.57
CA GLY A 55 -3.97 9.63 -9.89
C GLY A 55 -5.21 10.05 -9.12
N LYS A 56 -6.14 9.12 -8.89
CA LYS A 56 -7.36 9.41 -8.16
C LYS A 56 -7.51 8.54 -6.92
N LEU A 57 -8.34 9.00 -5.97
CA LEU A 57 -8.86 8.13 -4.90
C LEU A 57 -10.17 7.48 -5.35
N CYS A 58 -10.25 6.16 -5.18
CA CYS A 58 -11.32 5.36 -5.76
C CYS A 58 -11.93 4.49 -4.71
N ASP A 59 -13.06 3.88 -5.02
CA ASP A 59 -13.60 2.85 -4.14
C ASP A 59 -12.71 1.60 -4.18
N LEU A 60 -12.65 0.89 -3.07
CA LEU A 60 -11.95 -0.38 -3.00
C LEU A 60 -12.95 -1.57 -3.01
N ASP A 61 -13.02 -2.25 -4.18
CA ASP A 61 -13.98 -3.32 -4.40
C ASP A 61 -15.41 -2.84 -4.14
N GLY A 62 -15.79 -1.73 -4.77
CA GLY A 62 -17.13 -1.15 -4.65
C GLY A 62 -17.37 -0.27 -3.44
N VAL A 63 -16.58 -0.48 -2.39
CA VAL A 63 -16.75 0.15 -1.07
C VAL A 63 -16.01 1.48 -0.93
N LYS A 64 -16.73 2.59 -1.05
CA LYS A 64 -16.20 3.96 -0.95
C LYS A 64 -15.42 4.28 0.33
N PRO A 65 -14.27 4.99 0.22
CA PRO A 65 -13.53 5.41 1.41
C PRO A 65 -14.27 6.48 2.20
N LEU A 66 -13.86 6.69 3.44
CA LEU A 66 -14.27 7.85 4.21
C LEU A 66 -13.26 8.96 3.96
N ILE A 67 -13.68 9.98 3.22
CA ILE A 67 -12.79 11.08 2.84
C ILE A 67 -13.13 12.28 3.70
N LEU A 68 -12.26 12.53 4.68
CA LEU A 68 -12.43 13.57 5.67
C LEU A 68 -12.34 14.98 5.12
N ARG A 69 -11.62 15.17 4.02
CA ARG A 69 -11.44 16.52 3.52
C ARG A 69 -10.68 17.37 4.52
N ASP A 70 -11.33 18.44 4.96
CA ASP A 70 -10.72 19.42 5.85
C ASP A 70 -10.87 19.07 7.31
N CYS A 71 -11.42 17.91 7.61
CA CYS A 71 -11.61 17.48 8.99
C CYS A 71 -10.59 16.41 9.40
N SER A 72 -10.07 16.52 10.62
CA SER A 72 -9.17 15.53 11.18
C SER A 72 -9.98 14.42 11.87
N VAL A 73 -9.31 13.33 12.24
CA VAL A 73 -10.02 12.23 12.90
C VAL A 73 -10.63 12.72 14.21
N ALA A 74 -9.88 13.52 14.98
CA ALA A 74 -10.42 14.18 16.17
C ALA A 74 -11.67 15.04 15.86
N GLY A 75 -11.55 15.92 14.86
CA GLY A 75 -12.65 16.79 14.47
C GLY A 75 -13.88 15.99 14.11
N TRP A 76 -13.67 14.80 13.55
CA TRP A 76 -14.76 13.97 13.12
C TRP A 76 -15.45 13.32 14.31
N LEU A 77 -14.67 12.64 15.16
CA LEU A 77 -15.22 11.84 16.25
C LEU A 77 -15.91 12.67 17.35
N LEU A 78 -15.24 13.74 17.76
CA LEU A 78 -15.81 14.71 18.70
C LEU A 78 -16.97 15.49 18.08
N GLY A 79 -17.04 15.50 16.76
CA GLY A 79 -18.14 16.16 16.08
C GLY A 79 -18.00 17.68 16.02
N ASN A 80 -16.82 18.15 15.65
CA ASN A 80 -16.61 19.56 15.33
C ASN A 80 -17.73 20.02 14.38
N PRO A 81 -18.41 21.14 14.72
CA PRO A 81 -19.57 21.65 13.95
C PRO A 81 -19.27 21.95 12.49
N MET A 82 -17.99 22.12 12.15
CA MET A 82 -17.52 22.28 10.77
C MET A 82 -17.42 20.95 10.03
N CYS A 83 -17.74 19.86 10.72
CA CYS A 83 -17.55 18.51 10.19
C CYS A 83 -18.89 17.77 10.07
N ASP A 84 -19.95 18.51 9.76
CA ASP A 84 -21.29 17.94 9.74
C ASP A 84 -21.45 16.92 8.63
N GLU A 85 -20.67 17.05 7.56
CA GLU A 85 -20.70 16.05 6.47
C GLU A 85 -20.56 14.63 7.03
N PHE A 86 -20.03 14.53 8.25
CA PHE A 86 -19.70 13.25 8.86
C PHE A 86 -20.50 12.92 10.11
N ILE A 87 -21.66 13.57 10.27
CA ILE A 87 -22.61 13.23 11.34
C ILE A 87 -22.87 11.73 11.37
N ASN A 88 -23.21 11.16 10.22
CA ASN A 88 -23.49 9.71 10.10
C ASN A 88 -22.94 9.07 8.83
N VAL A 89 -21.82 8.38 8.97
CA VAL A 89 -21.07 7.90 7.81
C VAL A 89 -21.26 6.41 7.58
N PRO A 90 -21.45 6.01 6.30
CA PRO A 90 -21.58 4.59 5.97
C PRO A 90 -20.25 3.85 6.11
N GLU A 91 -20.34 2.53 6.22
CA GLU A 91 -19.20 1.63 6.20
C GLU A 91 -18.19 2.08 5.14
N TRP A 92 -16.92 2.12 5.51
CA TRP A 92 -15.87 2.56 4.58
C TRP A 92 -14.91 1.41 4.32
N SER A 93 -13.98 1.63 3.40
CA SER A 93 -12.95 0.64 3.05
C SER A 93 -11.61 1.08 3.60
N TYR A 94 -11.36 2.39 3.52
CA TYR A 94 -10.24 3.04 4.16
C TYR A 94 -10.67 4.45 4.43
N ILE A 95 -9.85 5.18 5.18
CA ILE A 95 -10.11 6.56 5.55
C ILE A 95 -8.99 7.42 4.95
N VAL A 96 -9.36 8.59 4.45
CA VAL A 96 -8.37 9.53 3.91
C VAL A 96 -8.36 10.82 4.72
N GLU A 97 -7.16 11.26 5.10
CA GLU A 97 -6.99 12.44 5.90
C GLU A 97 -5.87 13.28 5.32
N LYS A 98 -6.07 14.58 5.26
CA LYS A 98 -5.03 15.46 4.74
C LYS A 98 -3.86 15.56 5.75
N ALA A 99 -2.68 15.97 5.26
CA ALA A 99 -1.52 16.12 6.16
C ALA A 99 -1.81 17.12 7.28
N ASN A 100 -2.38 18.29 6.97
CA ASN A 100 -2.72 19.27 8.00
C ASN A 100 -4.17 19.76 7.95
N PRO A 101 -5.10 18.96 8.48
CA PRO A 101 -6.53 19.30 8.37
C PRO A 101 -6.84 20.57 9.13
N VAL A 102 -7.55 21.52 8.51
CA VAL A 102 -7.79 22.80 9.17
C VAL A 102 -8.83 22.68 10.29
N ASN A 103 -9.86 21.89 10.05
CA ASN A 103 -10.94 21.70 11.00
C ASN A 103 -10.69 20.57 11.97
N ASP A 104 -9.81 20.83 12.93
CA ASP A 104 -9.53 19.90 13.99
C ASP A 104 -9.61 20.69 15.28
N LEU A 105 -10.27 20.16 16.30
CA LEU A 105 -10.16 20.79 17.61
C LEU A 105 -10.39 22.29 17.63
N CYS A 106 -11.61 22.71 17.27
CA CYS A 106 -11.93 24.10 17.07
C CYS A 106 -11.67 24.92 18.34
N TYR A 107 -11.96 24.33 19.48
CA TYR A 107 -11.55 24.92 20.74
C TYR A 107 -10.25 24.26 21.11
N PRO A 108 -9.20 25.05 21.29
CA PRO A 108 -7.84 24.50 21.44
C PRO A 108 -7.70 23.44 22.53
N GLY A 109 -6.77 22.51 22.36
CA GLY A 109 -6.53 21.49 23.35
C GLY A 109 -5.58 20.37 22.98
N ASP A 110 -5.81 19.21 23.59
CA ASP A 110 -5.12 17.98 23.21
C ASP A 110 -6.16 16.87 23.15
N PHE A 111 -5.82 15.79 22.47
CA PHE A 111 -6.65 14.60 22.44
C PHE A 111 -5.78 13.51 23.01
N ASN A 112 -6.07 13.07 24.23
CA ASN A 112 -5.24 12.08 24.91
C ASN A 112 -5.20 10.71 24.23
N ASP A 113 -3.98 10.16 24.12
CA ASP A 113 -3.70 8.89 23.41
C ASP A 113 -4.24 8.85 21.98
N TYR A 114 -4.10 9.96 21.29
CA TYR A 114 -4.74 10.16 19.99
C TYR A 114 -4.25 9.15 18.96
N GLU A 115 -2.94 8.87 18.98
CA GLU A 115 -2.36 7.98 17.99
C GLU A 115 -2.72 6.52 18.24
N GLU A 116 -2.92 6.14 19.51
CA GLU A 116 -3.38 4.81 19.85
C GLU A 116 -4.85 4.64 19.46
N LEU A 117 -5.59 5.74 19.45
CA LEU A 117 -6.96 5.71 18.94
C LEU A 117 -6.96 5.56 17.43
N LYS A 118 -6.24 6.43 16.73
CA LYS A 118 -6.06 6.29 15.29
C LYS A 118 -5.67 4.85 14.92
N HIS A 119 -4.90 4.21 15.78
CA HIS A 119 -4.45 2.84 15.51
C HIS A 119 -5.59 1.86 15.59
N LEU A 120 -6.51 2.07 16.53
CA LEU A 120 -7.72 1.25 16.60
C LEU A 120 -8.55 1.38 15.34
N LEU A 121 -8.67 2.61 14.83
CA LEU A 121 -9.43 2.92 13.63
C LEU A 121 -8.95 2.23 12.36
N SER A 122 -7.67 1.93 12.31
CA SER A 122 -7.09 1.31 11.14
C SER A 122 -7.53 -0.16 11.06
N ARG A 123 -8.25 -0.61 12.09
CA ARG A 123 -8.75 -1.99 12.17
C ARG A 123 -10.30 -1.97 12.36
N ILE A 124 -10.91 -0.85 11.97
CA ILE A 124 -12.36 -0.62 12.03
C ILE A 124 -12.91 -0.07 10.69
N ASN A 125 -13.98 -0.67 10.17
CA ASN A 125 -14.63 -0.21 8.94
C ASN A 125 -15.97 0.52 9.15
N HIS A 126 -16.59 0.35 10.32
CA HIS A 126 -17.89 0.98 10.53
C HIS A 126 -18.21 1.35 11.98
N PHE A 127 -18.70 2.58 12.14
CA PHE A 127 -19.24 3.04 13.40
C PHE A 127 -20.71 3.24 13.24
N GLU A 128 -21.47 3.02 14.31
CA GLU A 128 -22.85 3.47 14.36
C GLU A 128 -23.04 4.33 15.61
N LYS A 129 -23.35 5.61 15.39
CA LYS A 129 -23.43 6.60 16.46
C LYS A 129 -24.73 6.49 17.28
N ILE A 130 -24.60 6.22 18.58
CA ILE A 130 -25.79 6.16 19.45
C ILE A 130 -25.72 7.10 20.66
N GLN A 131 -26.88 7.58 21.09
CA GLN A 131 -26.98 8.50 22.21
C GLN A 131 -26.90 7.74 23.52
N ILE A 132 -25.96 8.14 24.37
CA ILE A 132 -25.80 7.45 25.64
C ILE A 132 -26.34 8.24 26.84
N ILE A 133 -25.97 9.52 26.93
CA ILE A 133 -26.59 10.42 27.88
C ILE A 133 -27.27 11.53 27.12
N PRO A 134 -28.58 11.66 27.26
CA PRO A 134 -29.32 12.68 26.53
C PRO A 134 -29.06 14.06 27.08
N LYS A 135 -28.98 15.06 26.21
CA LYS A 135 -28.69 16.41 26.63
C LYS A 135 -29.81 16.88 27.54
N SER A 136 -31.04 16.55 27.18
CA SER A 136 -32.16 16.89 28.02
C SER A 136 -32.27 15.81 29.06
N SER A 137 -31.16 15.56 29.75
CA SER A 137 -31.14 14.61 30.82
C SER A 137 -30.59 15.29 32.05
N TRP A 138 -30.13 16.52 31.86
CA TRP A 138 -29.53 17.23 32.96
C TRP A 138 -30.53 18.21 33.55
N SER A 139 -30.96 17.88 34.75
CA SER A 139 -31.96 18.68 35.47
C SER A 139 -31.30 19.77 36.33
N SER A 140 -30.17 19.42 36.94
CA SER A 140 -29.48 20.27 37.90
C SER A 140 -28.37 21.16 37.32
N HIS A 141 -28.13 21.05 36.01
CA HIS A 141 -27.01 21.76 35.36
C HIS A 141 -27.44 22.32 34.01
N GLU A 142 -26.78 23.39 33.59
CA GLU A 142 -27.11 24.02 32.31
C GLU A 142 -26.29 23.42 31.15
N ALA A 143 -26.97 22.71 30.27
CA ALA A 143 -26.31 22.11 29.12
C ALA A 143 -26.15 23.13 28.00
N SER A 144 -27.27 23.73 27.59
CA SER A 144 -27.36 24.60 26.41
C SER A 144 -26.51 25.87 26.39
N LEU A 145 -25.69 26.07 27.43
CA LEU A 145 -24.87 27.28 27.48
C LEU A 145 -23.38 27.04 27.24
N GLY A 146 -22.96 25.79 27.24
CA GLY A 146 -21.55 25.45 26.99
C GLY A 146 -21.15 25.53 25.52
N VAL A 147 -20.99 26.77 25.03
CA VAL A 147 -20.72 27.05 23.61
C VAL A 147 -19.70 28.18 23.46
N SER A 148 -18.87 28.10 22.43
CA SER A 148 -17.84 29.12 22.16
C SER A 148 -17.92 29.67 20.73
N SER A 149 -17.44 30.90 20.55
CA SER A 149 -17.41 31.53 19.22
C SER A 149 -16.26 31.01 18.36
N VAL A 150 -15.35 30.28 18.98
CA VAL A 150 -14.24 29.64 18.27
C VAL A 150 -14.72 28.36 17.57
N CYS A 151 -15.88 27.85 18.00
CA CYS A 151 -16.54 26.72 17.34
C CYS A 151 -17.87 27.12 16.69
N PRO A 152 -17.83 27.96 15.64
CA PRO A 152 -19.08 28.47 15.10
C PRO A 152 -19.86 27.50 14.21
N TYR A 153 -21.19 27.53 14.34
CA TYR A 153 -22.08 26.91 13.36
C TYR A 153 -23.12 27.91 12.86
N GLN A 154 -23.09 28.17 11.56
CA GLN A 154 -23.98 29.12 10.90
C GLN A 154 -23.99 30.52 11.53
N GLY A 155 -22.80 31.00 11.87
CA GLY A 155 -22.63 32.36 12.38
C GLY A 155 -22.81 32.50 13.88
N LYS A 156 -23.18 31.41 14.55
CA LYS A 156 -23.49 31.43 15.99
C LYS A 156 -22.49 30.62 16.80
N SER A 157 -22.30 30.98 18.07
CA SER A 157 -21.45 30.20 18.96
C SER A 157 -21.95 28.76 19.14
N SER A 158 -21.11 27.78 18.82
CA SER A 158 -21.50 26.37 18.89
C SER A 158 -20.41 25.55 19.59
N PHE A 159 -20.48 24.21 19.48
CA PHE A 159 -19.52 23.31 20.14
C PHE A 159 -19.56 21.87 19.59
N PHE A 160 -18.51 21.11 19.88
CA PHE A 160 -18.46 19.69 19.52
C PHE A 160 -19.82 19.05 19.80
N ARG A 161 -20.42 18.48 18.77
CA ARG A 161 -21.79 18.01 18.83
C ARG A 161 -21.98 16.72 19.64
N ASN A 162 -20.88 16.04 19.98
CA ASN A 162 -21.00 14.73 20.61
C ASN A 162 -20.73 14.79 22.11
N VAL A 163 -20.25 15.93 22.56
CA VAL A 163 -20.00 16.13 23.98
C VAL A 163 -20.71 17.40 24.45
N VAL A 164 -21.09 17.41 25.72
CA VAL A 164 -21.89 18.49 26.26
C VAL A 164 -21.09 19.28 27.30
N TRP A 165 -20.83 20.56 27.02
CA TRP A 165 -20.10 21.41 27.95
C TRP A 165 -21.07 21.89 29.04
N LEU A 166 -21.07 21.21 30.17
CA LEU A 166 -22.01 21.49 31.24
C LEU A 166 -21.54 22.69 32.05
N ILE A 167 -22.47 23.61 32.31
CA ILE A 167 -22.26 24.82 33.12
C ILE A 167 -23.23 24.84 34.31
N LYS A 168 -22.88 25.59 35.34
CA LYS A 168 -23.73 25.75 36.54
C LYS A 168 -25.16 26.26 36.25
N LYS A 169 -26.12 25.77 37.04
CA LYS A 169 -27.53 26.22 36.97
C LYS A 169 -27.91 26.95 38.26
N ASN A 170 -28.47 28.15 38.11
CA ASN A 170 -28.80 29.05 39.24
C ASN A 170 -27.65 29.20 40.25
N SER A 171 -26.44 29.43 39.73
CA SER A 171 -25.22 29.54 40.56
C SER A 171 -24.92 28.30 41.44
N THR A 172 -25.05 27.11 40.87
CA THR A 172 -24.72 25.88 41.61
C THR A 172 -24.22 24.79 40.68
N TYR A 173 -23.20 24.08 41.12
CA TYR A 173 -22.77 22.87 40.45
C TYR A 173 -22.82 21.72 41.45
N PRO A 174 -23.96 21.02 41.53
CA PRO A 174 -24.09 19.81 42.36
C PRO A 174 -23.17 18.74 41.83
N THR A 175 -22.69 17.86 42.70
CA THR A 175 -21.90 16.72 42.26
C THR A 175 -22.72 15.87 41.30
N ILE A 176 -22.15 15.62 40.13
CA ILE A 176 -22.74 14.75 39.12
C ILE A 176 -22.39 13.31 39.45
N LYS A 177 -23.36 12.42 39.39
CA LYS A 177 -23.10 10.99 39.48
C LYS A 177 -23.91 10.27 38.41
N ARG A 178 -23.31 10.08 37.24
CA ARG A 178 -24.01 9.46 36.12
C ARG A 178 -23.26 8.24 35.63
N SER A 179 -24.04 7.27 35.16
CA SER A 179 -23.52 5.96 34.84
C SER A 179 -24.21 5.39 33.59
N TYR A 180 -23.42 4.77 32.71
CA TYR A 180 -23.96 4.13 31.51
C TYR A 180 -23.58 2.67 31.42
N ASN A 181 -24.58 1.83 31.11
CA ASN A 181 -24.38 0.40 30.91
C ASN A 181 -24.42 0.07 29.42
N ASN A 182 -23.50 -0.78 28.97
CA ASN A 182 -23.48 -1.19 27.57
C ASN A 182 -24.35 -2.42 27.29
N THR A 183 -25.59 -2.15 26.87
CA THR A 183 -26.56 -3.19 26.50
C THR A 183 -26.54 -3.49 24.99
N ASN A 184 -25.43 -3.11 24.36
CA ASN A 184 -25.15 -3.49 22.99
C ASN A 184 -24.20 -4.67 23.06
N GLN A 185 -24.29 -5.56 22.09
CA GLN A 185 -23.38 -6.68 21.95
C GLN A 185 -21.99 -6.17 21.66
N GLU A 186 -21.96 -5.11 20.87
CA GLU A 186 -20.76 -4.50 20.30
C GLU A 186 -19.90 -3.77 21.35
N ASP A 187 -18.65 -3.51 21.01
CA ASP A 187 -17.79 -2.60 21.76
C ASP A 187 -18.26 -1.20 21.46
N LEU A 188 -18.07 -0.30 22.43
CA LEU A 188 -18.52 1.07 22.30
C LEU A 188 -17.37 2.02 22.63
N LEU A 189 -17.03 2.89 21.69
CA LEU A 189 -16.07 3.96 21.94
C LEU A 189 -16.76 5.11 22.64
N VAL A 190 -16.29 5.43 23.84
CA VAL A 190 -16.83 6.53 24.64
C VAL A 190 -15.80 7.63 24.77
N LEU A 191 -16.24 8.87 24.54
CA LEU A 191 -15.40 10.04 24.60
C LEU A 191 -15.91 11.05 25.61
N TRP A 192 -15.00 11.61 26.39
CA TRP A 192 -15.34 12.70 27.29
C TRP A 192 -14.21 13.73 27.32
N GLY A 193 -14.38 14.78 28.13
CA GLY A 193 -13.36 15.82 28.22
C GLY A 193 -13.31 16.56 29.55
N ILE A 194 -12.33 17.45 29.66
CA ILE A 194 -12.20 18.32 30.80
C ILE A 194 -11.77 19.69 30.31
N HIS A 195 -12.28 20.74 30.96
CA HIS A 195 -11.93 22.11 30.60
C HIS A 195 -10.93 22.67 31.59
N HIS A 196 -9.84 23.23 31.08
CA HIS A 196 -8.84 23.87 31.91
C HIS A 196 -8.98 25.37 31.69
N PRO A 197 -9.66 26.08 32.62
CA PRO A 197 -9.79 27.54 32.57
C PRO A 197 -8.44 28.21 32.79
N ASN A 198 -8.32 29.49 32.45
CA ASN A 198 -7.00 30.15 32.58
C ASN A 198 -6.78 30.98 33.85
N ASP A 199 -7.82 31.14 34.67
CA ASP A 199 -7.73 31.83 35.99
C ASP A 199 -8.81 31.42 36.99
N ALA A 200 -8.64 31.86 38.25
CA ALA A 200 -9.57 31.57 39.34
C ALA A 200 -10.98 32.13 39.09
N ALA A 201 -11.05 33.24 38.36
CA ALA A 201 -12.32 33.92 38.08
C ALA A 201 -13.22 33.12 37.16
N GLU A 202 -12.62 32.50 36.15
CA GLU A 202 -13.34 31.70 35.15
C GLU A 202 -13.92 30.44 35.77
N GLN A 203 -13.12 29.83 36.67
CA GLN A 203 -13.55 28.67 37.44
C GLN A 203 -14.82 28.99 38.25
N THR A 204 -14.78 30.10 38.99
CA THR A 204 -15.93 30.62 39.72
C THR A 204 -17.09 30.88 38.75
N LYS A 205 -16.78 31.55 37.64
CA LYS A 205 -17.80 31.96 36.69
C LYS A 205 -18.58 30.79 36.09
N LEU A 206 -17.87 29.76 35.63
CA LEU A 206 -18.50 28.62 34.94
C LEU A 206 -19.00 27.53 35.88
N TYR A 207 -18.15 27.15 36.84
CA TYR A 207 -18.45 26.00 37.67
C TYR A 207 -18.68 26.29 39.15
N GLN A 208 -18.54 27.54 39.54
CA GLN A 208 -18.77 27.92 40.92
C GLN A 208 -17.68 27.40 41.85
N ASN A 209 -17.51 26.09 41.88
CA ASN A 209 -16.52 25.50 42.78
C ASN A 209 -15.09 25.77 42.33
N PRO A 210 -14.26 26.18 43.27
CA PRO A 210 -12.84 26.42 43.02
C PRO A 210 -12.01 25.18 42.70
N THR A 211 -12.28 24.08 43.38
CA THR A 211 -11.44 22.89 43.33
C THR A 211 -12.30 21.72 42.85
N THR A 212 -12.03 21.25 41.64
CA THR A 212 -12.89 20.25 40.99
C THR A 212 -12.14 19.01 40.55
N TYR A 213 -12.91 18.02 40.10
CA TYR A 213 -12.41 16.74 39.65
C TYR A 213 -13.43 16.06 38.73
N ILE A 214 -12.94 15.26 37.79
CA ILE A 214 -13.79 14.34 37.03
C ILE A 214 -13.23 12.95 37.30
N SER A 215 -14.11 12.02 37.63
CA SER A 215 -13.67 10.68 37.91
C SER A 215 -14.42 9.68 37.05
N VAL A 216 -13.67 8.85 36.36
CA VAL A 216 -14.23 7.91 35.41
C VAL A 216 -13.87 6.51 35.85
N GLY A 217 -14.84 5.61 35.84
CA GLY A 217 -14.63 4.25 36.24
C GLY A 217 -15.26 3.25 35.30
N THR A 218 -14.47 2.29 34.86
CA THR A 218 -14.99 1.06 34.27
C THR A 218 -14.33 -0.10 35.02
N SER A 219 -14.49 -1.31 34.50
CA SER A 219 -13.92 -2.48 35.14
C SER A 219 -12.40 -2.50 35.05
N THR A 220 -11.84 -1.72 34.12
CA THR A 220 -10.38 -1.68 33.93
C THR A 220 -9.79 -0.27 34.07
N LEU A 221 -10.66 0.74 34.08
CA LEU A 221 -10.22 2.14 34.17
C LEU A 221 -10.43 2.77 35.56
N ASN A 222 -9.38 3.37 36.11
CA ASN A 222 -9.46 4.08 37.40
C ASN A 222 -8.94 5.52 37.29
N GLN A 223 -9.78 6.40 36.75
CA GLN A 223 -9.35 7.74 36.39
C GLN A 223 -9.85 8.84 37.33
N ARG A 224 -8.99 9.81 37.60
CA ARG A 224 -9.37 11.04 38.29
C ARG A 224 -8.65 12.21 37.64
N LEU A 225 -9.39 13.02 36.88
CA LEU A 225 -8.84 14.19 36.22
C LEU A 225 -9.06 15.41 37.08
N VAL A 226 -8.04 16.27 37.16
CA VAL A 226 -8.11 17.51 37.91
C VAL A 226 -7.67 18.66 37.00
N PRO A 227 -8.50 19.74 36.92
CA PRO A 227 -8.22 20.89 36.06
C PRO A 227 -6.92 21.59 36.39
N ARG A 228 -6.11 21.82 35.36
CA ARG A 228 -4.86 22.54 35.50
C ARG A 228 -5.09 24.00 35.09
N ILE A 229 -5.27 24.84 36.10
CA ILE A 229 -5.66 26.25 35.94
C ILE A 229 -4.43 27.16 35.96
N ALA A 230 -4.00 27.59 34.78
CA ALA A 230 -2.83 28.46 34.62
C ALA A 230 -2.98 29.42 33.44
N THR A 231 -2.22 30.51 33.44
CA THR A 231 -2.21 31.47 32.33
C THR A 231 -1.36 30.95 31.17
N ARG A 232 -1.93 30.97 29.97
CA ARG A 232 -1.22 30.51 28.78
C ARG A 232 -1.66 31.25 27.53
N SER A 233 -0.82 31.13 26.49
CA SER A 233 -1.05 31.78 25.20
C SER A 233 -2.46 31.58 24.65
N LYS A 234 -2.98 32.61 23.99
CA LYS A 234 -4.21 32.47 23.22
C LYS A 234 -3.94 31.64 21.99
N VAL A 235 -4.86 30.71 21.72
CA VAL A 235 -4.85 29.95 20.49
C VAL A 235 -6.24 30.14 19.89
N ASN A 236 -6.31 30.67 18.67
CA ASN A 236 -7.57 31.07 18.06
C ASN A 236 -8.42 31.88 19.04
N GLY A 237 -7.77 32.86 19.68
CA GLY A 237 -8.41 33.78 20.61
C GLY A 237 -8.87 33.15 21.91
N GLN A 238 -8.23 32.06 22.32
CA GLN A 238 -8.67 31.32 23.49
C GLN A 238 -7.51 30.92 24.40
N SER A 239 -7.71 31.07 25.71
CA SER A 239 -6.67 30.78 26.70
C SER A 239 -6.98 29.49 27.44
N GLY A 240 -8.27 29.20 27.57
CA GLY A 240 -8.72 27.91 28.07
C GLY A 240 -8.21 26.77 27.23
N ARG A 241 -8.45 25.54 27.71
CA ARG A 241 -7.97 24.33 27.04
C ARG A 241 -8.89 23.15 27.29
N MET A 242 -9.15 22.40 26.24
CA MET A 242 -9.93 21.20 26.36
C MET A 242 -8.98 20.03 26.20
N GLU A 243 -9.22 18.97 26.96
CA GLU A 243 -8.41 17.79 26.92
C GLU A 243 -9.35 16.62 26.89
N PHE A 244 -9.33 15.87 25.81
CA PHE A 244 -10.28 14.82 25.59
C PHE A 244 -9.70 13.44 25.82
N PHE A 245 -10.50 12.59 26.45
CA PHE A 245 -10.09 11.25 26.82
C PHE A 245 -11.06 10.27 26.18
N TRP A 246 -10.67 9.01 26.13
CA TRP A 246 -11.52 7.99 25.52
C TRP A 246 -11.26 6.65 26.19
N THR A 247 -12.20 5.75 26.02
CA THR A 247 -12.02 4.39 26.45
C THR A 247 -12.87 3.54 25.54
N ILE A 248 -12.57 2.25 25.47
CA ILE A 248 -13.42 1.32 24.78
C ILE A 248 -14.18 0.56 25.86
N LEU A 249 -15.49 0.83 25.92
CA LEU A 249 -16.37 0.21 26.90
C LEU A 249 -16.82 -1.15 26.39
N LYS A 250 -16.44 -2.19 27.12
CA LYS A 250 -16.75 -3.55 26.71
C LYS A 250 -18.25 -3.83 26.81
N PRO A 251 -18.76 -4.84 26.07
CA PRO A 251 -20.19 -5.07 26.20
C PRO A 251 -20.47 -5.59 27.61
N ASN A 252 -21.57 -5.12 28.21
CA ASN A 252 -21.96 -5.49 29.57
C ASN A 252 -21.13 -4.85 30.68
N ASP A 253 -20.37 -3.82 30.35
CA ASP A 253 -19.64 -3.08 31.36
C ASP A 253 -20.24 -1.69 31.46
N ALA A 254 -19.98 -1.03 32.57
CA ALA A 254 -20.58 0.27 32.84
C ALA A 254 -19.52 1.32 33.07
N ILE A 255 -19.73 2.51 32.53
CA ILE A 255 -18.83 3.62 32.79
C ILE A 255 -19.43 4.58 33.84
N ASN A 256 -18.67 4.87 34.89
CA ASN A 256 -19.16 5.71 35.99
C ASN A 256 -18.55 7.08 36.04
N PHE A 257 -19.34 8.08 35.67
CA PHE A 257 -18.89 9.45 35.70
C PHE A 257 -19.29 10.08 37.01
N GLU A 258 -18.41 10.92 37.52
CA GLU A 258 -18.66 11.68 38.74
C GLU A 258 -17.80 12.94 38.70
N SER A 259 -18.45 14.09 38.73
CA SER A 259 -17.75 15.36 38.66
C SER A 259 -18.54 16.51 39.28
N ASN A 260 -17.81 17.49 39.81
CA ASN A 260 -18.41 18.71 40.33
C ASN A 260 -17.94 19.94 39.54
N GLY A 261 -17.77 19.77 38.23
CA GLY A 261 -17.39 20.88 37.36
C GLY A 261 -16.18 20.63 36.49
N ASN A 262 -16.14 21.35 35.36
CA ASN A 262 -15.14 21.20 34.28
C ASN A 262 -15.41 20.00 33.37
N PHE A 263 -16.46 19.25 33.69
CA PHE A 263 -16.85 18.05 32.97
C PHE A 263 -17.44 18.36 31.60
N ILE A 264 -16.77 17.89 30.55
CA ILE A 264 -17.32 17.89 29.20
C ILE A 264 -17.83 16.47 29.06
N ALA A 265 -19.14 16.33 28.87
CA ALA A 265 -19.79 15.04 29.08
C ALA A 265 -20.27 14.33 27.79
N PRO A 266 -20.22 13.00 27.78
CA PRO A 266 -20.74 12.22 26.66
C PRO A 266 -22.19 12.56 26.37
N GLU A 267 -22.51 12.83 25.12
CA GLU A 267 -23.88 12.73 24.66
C GLU A 267 -23.97 11.53 23.73
N TYR A 268 -23.25 11.59 22.61
CA TYR A 268 -23.17 10.48 21.67
C TYR A 268 -21.89 9.64 21.83
N ALA A 269 -22.02 8.35 21.59
CA ALA A 269 -20.89 7.42 21.54
C ALA A 269 -21.00 6.57 20.28
N TYR A 270 -19.91 5.89 19.94
CA TYR A 270 -19.84 5.12 18.70
C TYR A 270 -19.88 3.62 18.95
N LYS A 271 -20.78 2.93 18.26
CA LYS A 271 -20.79 1.49 18.30
C LYS A 271 -19.85 0.97 17.24
N ILE A 272 -18.96 0.06 17.62
CA ILE A 272 -18.04 -0.53 16.68
C ILE A 272 -18.66 -1.75 16.03
N VAL A 273 -19.47 -1.54 15.01
CA VAL A 273 -20.14 -2.65 14.34
C VAL A 273 -19.24 -3.62 13.59
N LYS A 274 -18.38 -3.09 12.73
CA LYS A 274 -17.57 -3.94 11.86
C LYS A 274 -16.07 -3.71 12.00
N LYS A 275 -15.34 -4.81 12.13
CA LYS A 275 -13.89 -4.78 12.11
C LYS A 275 -13.45 -5.30 10.76
N GLY A 276 -12.69 -4.49 10.05
CA GLY A 276 -12.24 -4.82 8.72
C GLY A 276 -10.83 -4.34 8.52
N ASP A 277 -10.13 -4.86 7.53
CA ASP A 277 -8.83 -4.34 7.24
C ASP A 277 -9.00 -2.95 6.62
N SER A 278 -8.27 -1.97 7.14
CA SER A 278 -8.36 -0.56 6.75
C SER A 278 -7.09 0.21 7.09
N THR A 279 -6.93 1.42 6.56
CA THR A 279 -5.84 2.31 7.00
C THR A 279 -6.39 3.70 7.00
N ILE A 280 -5.66 4.58 7.68
CA ILE A 280 -5.84 6.00 7.52
C ILE A 280 -4.70 6.39 6.62
N MET A 281 -5.03 6.74 5.38
CA MET A 281 -4.01 7.19 4.47
C MET A 281 -3.95 8.72 4.41
N LYS A 282 -2.73 9.25 4.27
CA LYS A 282 -2.53 10.67 4.16
C LYS A 282 -2.46 11.03 2.72
N SER A 283 -3.35 11.93 2.32
CA SER A 283 -3.48 12.31 0.93
C SER A 283 -4.22 13.62 0.83
N GLU A 284 -3.78 14.46 -0.08
CA GLU A 284 -4.41 15.74 -0.32
C GLU A 284 -5.44 15.59 -1.43
N LEU A 285 -5.53 14.41 -2.02
CA LEU A 285 -6.48 14.17 -3.10
C LEU A 285 -7.92 14.10 -2.60
N GLU A 286 -8.86 14.45 -3.46
CA GLU A 286 -10.29 14.32 -3.18
C GLU A 286 -10.82 13.10 -3.95
N TYR A 287 -12.10 12.77 -3.74
CA TYR A 287 -12.77 11.62 -4.40
C TYR A 287 -12.74 11.67 -5.93
N GLY A 288 -12.47 10.52 -6.53
CA GLY A 288 -12.28 10.45 -7.97
C GLY A 288 -13.37 9.79 -8.79
N ASN A 289 -14.39 9.26 -8.12
CA ASN A 289 -15.53 8.55 -8.79
C ASN A 289 -15.07 7.34 -9.63
N CYS A 290 -14.25 6.48 -9.03
CA CYS A 290 -13.73 5.31 -9.72
C CYS A 290 -13.81 4.12 -8.78
N ASN A 291 -13.60 2.94 -9.32
CA ASN A 291 -13.44 1.74 -8.52
C ASN A 291 -12.06 1.14 -8.81
N THR A 292 -11.48 0.44 -7.84
CA THR A 292 -10.15 -0.14 -8.01
C THR A 292 -9.98 -1.33 -7.08
N LYS A 293 -8.98 -2.17 -7.34
CA LYS A 293 -8.61 -3.27 -6.43
C LYS A 293 -7.41 -2.90 -5.56
N CYS A 294 -6.78 -1.76 -5.83
CA CYS A 294 -5.51 -1.40 -5.19
C CYS A 294 -5.35 0.12 -5.16
N GLN A 295 -5.28 0.69 -3.96
CA GLN A 295 -5.23 2.14 -3.79
C GLN A 295 -3.93 2.57 -3.11
N THR A 296 -3.27 3.57 -3.71
CA THR A 296 -2.16 4.25 -3.05
C THR A 296 -2.60 5.69 -2.74
N PRO A 297 -1.87 6.39 -1.86
CA PRO A 297 -2.19 7.80 -1.51
C PRO A 297 -2.10 8.77 -2.69
N MET A 298 -1.49 8.32 -3.79
CA MET A 298 -1.24 9.15 -4.96
C MET A 298 -2.12 8.80 -6.15
N GLY A 299 -2.77 7.64 -6.09
CA GLY A 299 -3.59 7.15 -7.18
C GLY A 299 -3.76 5.66 -7.08
N ALA A 300 -4.69 5.12 -7.85
CA ALA A 300 -5.03 3.69 -7.81
C ALA A 300 -4.20 2.93 -8.83
N ILE A 301 -4.11 1.62 -8.63
CA ILE A 301 -3.31 0.75 -9.49
C ILE A 301 -4.17 -0.36 -10.07
N ASN A 302 -4.10 -0.54 -11.38
CA ASN A 302 -4.71 -1.67 -12.05
C ASN A 302 -3.68 -2.36 -12.93
N SER A 303 -3.11 -3.45 -12.45
CA SER A 303 -2.13 -4.17 -13.24
C SER A 303 -1.90 -5.57 -12.73
N SER A 304 -1.24 -6.38 -13.56
CA SER A 304 -0.92 -7.74 -13.20
C SER A 304 0.59 -7.91 -13.08
N MET A 305 1.28 -6.79 -12.89
CA MET A 305 2.69 -6.81 -12.58
C MET A 305 2.88 -7.28 -11.15
N PRO A 306 3.96 -8.00 -10.90
CA PRO A 306 4.33 -8.42 -9.57
C PRO A 306 4.78 -7.26 -8.71
N PHE A 307 5.47 -6.28 -9.29
CA PHE A 307 5.98 -5.15 -8.52
C PHE A 307 5.38 -3.85 -9.01
N HIS A 308 5.53 -2.80 -8.22
CA HIS A 308 5.19 -1.42 -8.61
C HIS A 308 6.10 -0.52 -7.80
N ASN A 309 6.28 0.72 -8.26
CA ASN A 309 7.10 1.68 -7.55
C ASN A 309 6.35 2.98 -7.27
N ILE A 310 5.05 2.88 -7.04
CA ILE A 310 4.21 4.05 -6.81
C ILE A 310 4.42 4.65 -5.43
N HIS A 311 4.09 3.91 -4.38
CA HIS A 311 4.13 4.40 -3.00
C HIS A 311 4.10 3.16 -2.10
N PRO A 312 4.78 3.20 -0.92
CA PRO A 312 4.80 2.02 -0.04
C PRO A 312 3.45 1.69 0.59
N LEU A 313 2.64 2.70 0.90
CA LEU A 313 1.43 2.49 1.71
C LEU A 313 0.19 2.19 0.87
N THR A 314 0.00 0.94 0.47
CA THR A 314 -1.18 0.59 -0.29
C THR A 314 -2.20 -0.20 0.54
N ILE A 315 -3.40 -0.38 -0.02
CA ILE A 315 -4.43 -1.23 0.54
C ILE A 315 -5.07 -1.92 -0.65
N GLY A 316 -5.38 -3.21 -0.52
CA GLY A 316 -6.04 -4.00 -1.57
C GLY A 316 -5.18 -5.15 -2.09
N GLU A 317 -5.60 -5.73 -3.22
CA GLU A 317 -4.79 -6.73 -3.94
C GLU A 317 -3.72 -5.97 -4.67
N CYS A 318 -2.55 -5.82 -4.04
CA CYS A 318 -1.50 -4.96 -4.59
C CYS A 318 -0.21 -5.66 -4.99
N PRO A 319 0.46 -5.15 -6.05
CA PRO A 319 1.82 -5.60 -6.34
C PRO A 319 2.74 -5.18 -5.21
N LYS A 320 3.90 -5.79 -5.10
CA LYS A 320 4.85 -5.43 -4.05
C LYS A 320 5.61 -4.16 -4.41
N TYR A 321 5.81 -3.29 -3.44
CA TYR A 321 6.48 -2.04 -3.71
C TYR A 321 7.98 -2.23 -3.69
N VAL A 322 8.65 -1.77 -4.74
CA VAL A 322 10.11 -1.65 -4.73
C VAL A 322 10.52 -0.22 -5.05
N LYS A 323 11.73 0.18 -4.71
CA LYS A 323 12.21 1.50 -5.05
C LYS A 323 12.86 1.60 -6.43
N SER A 324 12.64 0.64 -7.31
CA SER A 324 13.32 0.63 -8.61
C SER A 324 12.71 1.61 -9.59
N ASN A 325 13.52 2.09 -10.51
CA ASN A 325 13.02 2.73 -11.73
C ASN A 325 12.75 1.74 -12.87
N ARG A 326 13.38 0.57 -12.82
CA ARG A 326 13.29 -0.38 -13.92
C ARG A 326 13.55 -1.83 -13.48
N LEU A 327 12.61 -2.71 -13.82
CA LEU A 327 12.76 -4.15 -13.60
C LEU A 327 12.26 -4.92 -14.81
N VAL A 328 13.20 -5.39 -15.63
CA VAL A 328 12.89 -6.09 -16.88
C VAL A 328 13.67 -7.40 -16.97
N LEU A 329 12.93 -8.51 -17.11
CA LEU A 329 13.50 -9.83 -17.32
C LEU A 329 13.70 -10.15 -18.79
N ALA A 330 14.84 -10.74 -19.12
CA ALA A 330 15.04 -11.38 -20.41
C ALA A 330 14.19 -12.64 -20.49
N THR A 331 13.61 -12.89 -21.66
CA THR A 331 12.99 -14.18 -21.98
C THR A 331 13.64 -14.70 -23.24
N GLY A 332 13.80 -13.85 -24.24
CA GLY A 332 14.43 -14.25 -25.47
C GLY A 332 15.94 -14.16 -25.41
N LEU A 333 16.56 -14.16 -26.59
CA LEU A 333 18.00 -14.23 -26.64
C LEU A 333 18.61 -12.89 -27.10
N ARG A 334 19.92 -12.78 -27.03
CA ARG A 334 20.63 -11.59 -27.45
C ARG A 334 20.37 -11.34 -28.93
N ASN A 335 19.71 -10.21 -29.20
CA ASN A 335 19.27 -9.80 -30.53
C ASN A 335 20.39 -9.18 -31.31
N SER A 336 20.62 -9.67 -32.52
CA SER A 336 21.72 -9.16 -33.33
C SER A 336 21.30 -8.03 -34.29
N PRO A 337 22.22 -7.07 -34.54
CA PRO A 337 22.18 -6.09 -35.65
C PRO A 337 21.87 -6.73 -37.02
N GLY B 1 29.33 -15.12 -25.12
CA GLY B 1 28.58 -15.70 -23.97
C GLY B 1 29.27 -16.99 -23.58
N LEU B 2 28.90 -17.55 -22.44
CA LEU B 2 29.68 -18.64 -21.89
C LEU B 2 29.83 -19.81 -22.85
N PHE B 3 28.86 -20.02 -23.72
CA PHE B 3 28.88 -21.26 -24.49
C PHE B 3 29.42 -21.08 -25.89
N GLY B 4 29.76 -19.83 -26.21
CA GLY B 4 30.50 -19.53 -27.41
C GLY B 4 29.73 -19.58 -28.71
N ALA B 5 28.44 -19.85 -28.69
CA ALA B 5 27.71 -19.98 -29.96
C ALA B 5 27.05 -18.68 -30.36
N ILE B 6 26.09 -18.22 -29.57
CA ILE B 6 25.44 -16.95 -29.86
C ILE B 6 26.45 -15.78 -29.87
N ALA B 7 26.50 -15.09 -31.02
CA ALA B 7 27.38 -13.94 -31.24
C ALA B 7 28.79 -14.31 -30.85
N GLY B 8 29.19 -15.50 -31.30
CA GLY B 8 30.49 -16.11 -31.03
C GLY B 8 30.83 -16.81 -32.33
N PHE B 9 30.86 -18.13 -32.38
CA PHE B 9 31.18 -18.77 -33.64
C PHE B 9 30.05 -18.68 -34.66
N ILE B 10 28.82 -18.46 -34.17
CA ILE B 10 27.69 -18.16 -35.05
C ILE B 10 27.47 -16.66 -34.95
N GLU B 11 27.84 -15.96 -36.01
CA GLU B 11 28.03 -14.51 -35.91
C GLU B 11 26.80 -13.67 -35.59
N GLY B 12 25.64 -14.09 -36.08
CA GLY B 12 24.41 -13.34 -35.84
C GLY B 12 23.15 -14.16 -36.01
N GLY B 13 22.04 -13.65 -35.51
CA GLY B 13 20.76 -14.32 -35.64
C GLY B 13 20.11 -14.21 -37.03
N TRP B 14 18.96 -14.88 -37.16
CA TRP B 14 18.23 -15.01 -38.41
C TRP B 14 16.88 -14.33 -38.33
N GLN B 15 16.75 -13.17 -39.00
CA GLN B 15 15.44 -12.51 -39.19
C GLN B 15 14.44 -13.46 -39.89
N GLY B 16 14.94 -14.27 -40.83
CA GLY B 16 14.08 -15.18 -41.60
C GLY B 16 13.54 -16.40 -40.89
N MET B 17 13.97 -16.63 -39.64
CA MET B 17 13.43 -17.72 -38.81
C MET B 17 12.48 -17.18 -37.72
N VAL B 18 11.20 -17.18 -38.09
CA VAL B 18 10.15 -16.46 -37.42
C VAL B 18 9.48 -17.52 -36.59
N ASP B 19 9.93 -18.73 -36.86
CA ASP B 19 9.26 -19.97 -36.57
C ASP B 19 9.45 -20.45 -35.11
N GLY B 20 10.66 -20.24 -34.56
CA GLY B 20 11.05 -20.66 -33.23
C GLY B 20 12.34 -19.97 -32.81
N TRP B 21 12.96 -20.40 -31.70
CA TRP B 21 14.18 -19.73 -31.18
C TRP B 21 15.50 -20.23 -31.75
N TYR B 22 15.56 -21.55 -32.03
CA TYR B 22 16.70 -22.20 -32.63
C TYR B 22 16.20 -23.07 -33.79
N GLY B 23 17.04 -23.23 -34.79
CA GLY B 23 16.67 -24.13 -35.87
C GLY B 23 17.78 -24.20 -36.86
N TYR B 24 17.42 -24.50 -38.11
CA TYR B 24 18.39 -24.83 -39.16
C TYR B 24 18.15 -23.95 -40.34
N HIS B 25 19.21 -23.63 -41.05
CA HIS B 25 19.03 -23.12 -42.41
C HIS B 25 19.66 -24.16 -43.30
N HIS B 26 18.99 -24.51 -44.38
CA HIS B 26 19.55 -25.47 -45.35
C HIS B 26 19.59 -24.84 -46.72
N SER B 27 20.41 -25.40 -47.60
CA SER B 27 20.69 -24.84 -48.91
C SER B 27 21.26 -25.90 -49.86
N ASN B 28 20.54 -26.18 -50.94
CA ASN B 28 20.91 -27.20 -51.91
C ASN B 28 20.38 -26.89 -53.33
N GLU B 29 20.36 -27.88 -54.22
CA GLU B 29 19.94 -27.64 -55.61
C GLU B 29 18.48 -27.23 -55.71
N GLN B 30 17.63 -27.82 -54.86
CA GLN B 30 16.20 -27.56 -54.89
C GLN B 30 15.82 -26.23 -54.28
N GLY B 31 16.69 -25.68 -53.45
CA GLY B 31 16.39 -24.39 -52.81
C GLY B 31 16.96 -24.29 -51.43
N SER B 32 16.39 -23.41 -50.61
CA SER B 32 16.96 -23.10 -49.31
C SER B 32 15.89 -22.56 -48.39
N GLY B 33 16.14 -22.63 -47.08
CA GLY B 33 15.19 -22.12 -46.11
C GLY B 33 15.48 -22.43 -44.66
N TYR B 34 14.52 -22.04 -43.80
CA TYR B 34 14.69 -22.12 -42.36
C TYR B 34 13.69 -23.11 -41.82
N ALA B 35 14.08 -23.81 -40.76
CA ALA B 35 13.15 -24.68 -40.06
C ALA B 35 13.53 -24.62 -38.59
N ALA B 36 12.58 -24.21 -37.76
CA ALA B 36 12.73 -24.17 -36.33
C ALA B 36 12.85 -25.59 -35.81
N ASP B 37 13.67 -25.78 -34.79
CA ASP B 37 13.75 -27.02 -34.05
C ASP B 37 12.83 -26.85 -32.86
N LYS B 38 11.73 -27.58 -32.88
CA LYS B 38 10.60 -27.32 -32.00
C LYS B 38 10.82 -27.89 -30.61
N GLU B 39 11.55 -29.00 -30.54
CA GLU B 39 11.83 -29.68 -29.28
C GLU B 39 12.68 -28.77 -28.37
N SER B 40 13.79 -28.27 -28.88
CA SER B 40 14.61 -27.44 -28.03
C SER B 40 13.99 -26.07 -27.80
N THR B 41 13.26 -25.55 -28.78
CA THR B 41 12.52 -24.30 -28.56
C THR B 41 11.52 -24.46 -27.43
N GLN B 42 10.69 -25.49 -27.48
CA GLN B 42 9.70 -25.72 -26.43
C GLN B 42 10.34 -25.95 -25.05
N LYS B 43 11.39 -26.74 -25.02
CA LYS B 43 12.20 -26.91 -23.84
C LYS B 43 12.66 -25.54 -23.31
N ALA B 44 13.11 -24.68 -24.21
CA ALA B 44 13.52 -23.33 -23.82
C ALA B 44 12.34 -22.52 -23.29
N ILE B 45 11.20 -22.62 -23.95
CA ILE B 45 10.03 -21.91 -23.52
C ILE B 45 9.59 -22.34 -22.12
N ASP B 46 9.49 -23.66 -21.87
CA ASP B 46 9.17 -24.14 -20.52
C ASP B 46 10.15 -23.60 -19.43
N GLY B 47 11.46 -23.69 -19.65
CA GLY B 47 12.42 -23.22 -18.65
C GLY B 47 12.28 -21.76 -18.26
N VAL B 48 12.13 -20.92 -19.28
CA VAL B 48 12.00 -19.49 -19.06
C VAL B 48 10.66 -19.16 -18.42
N THR B 49 9.61 -19.87 -18.81
CA THR B 49 8.29 -19.66 -18.20
C THR B 49 8.29 -20.02 -16.71
N ASN B 50 8.87 -21.18 -16.37
CA ASN B 50 9.02 -21.54 -14.96
C ASN B 50 9.89 -20.55 -14.18
N LYS B 51 10.98 -20.08 -14.79
CA LYS B 51 11.84 -19.10 -14.12
C LYS B 51 11.05 -17.85 -13.75
N VAL B 52 10.33 -17.30 -14.73
CA VAL B 52 9.52 -16.12 -14.46
C VAL B 52 8.54 -16.40 -13.32
N ASN B 53 7.79 -17.50 -13.42
CA ASN B 53 6.87 -17.86 -12.34
C ASN B 53 7.58 -18.08 -10.98
N SER B 54 8.78 -18.68 -10.97
CA SER B 54 9.53 -18.86 -9.73
C SER B 54 9.92 -17.52 -9.13
N ILE B 55 10.54 -16.67 -9.94
CA ILE B 55 10.82 -15.30 -9.55
C ILE B 55 9.59 -14.56 -8.98
N ILE B 56 8.47 -14.54 -9.69
CA ILE B 56 7.27 -13.87 -9.18
C ILE B 56 6.79 -14.43 -7.83
N ASP B 57 6.70 -15.76 -7.73
CA ASP B 57 6.29 -16.45 -6.49
C ASP B 57 7.17 -16.16 -5.30
N LYS B 58 8.47 -16.33 -5.48
CA LYS B 58 9.42 -16.12 -4.42
C LYS B 58 9.33 -14.72 -3.84
N MET B 59 8.76 -13.80 -4.59
CA MET B 59 8.66 -12.41 -4.18
C MET B 59 7.28 -12.00 -3.64
N ASN B 60 6.35 -12.95 -3.54
CA ASN B 60 4.97 -12.62 -3.17
C ASN B 60 4.83 -12.35 -1.67
N THR B 61 5.90 -12.65 -0.94
CA THR B 61 5.93 -12.41 0.49
C THR B 61 7.00 -11.38 0.82
N GLN B 62 6.95 -10.22 0.18
CA GLN B 62 7.77 -9.07 0.61
C GLN B 62 7.09 -8.28 1.73
N PHE B 63 7.88 -7.38 2.32
CA PHE B 63 7.43 -6.51 3.38
C PHE B 63 6.36 -5.49 2.92
N GLU B 64 5.29 -5.38 3.69
CA GLU B 64 4.26 -4.39 3.44
C GLU B 64 4.28 -3.30 4.53
N ALA B 65 4.39 -2.05 4.09
CA ALA B 65 4.35 -0.94 5.00
C ALA B 65 2.95 -0.72 5.60
N VAL B 66 2.94 -0.39 6.88
CA VAL B 66 1.73 -0.05 7.59
C VAL B 66 1.86 1.41 8.06
N GLY B 67 0.84 2.23 7.78
CA GLY B 67 0.72 3.58 8.33
C GLY B 67 0.73 3.54 9.84
N ARG B 68 1.41 4.49 10.47
CA ARG B 68 1.67 4.44 11.90
C ARG B 68 2.05 5.84 12.36
N GLU B 69 1.32 6.38 13.34
CA GLU B 69 1.47 7.79 13.75
C GLU B 69 2.05 7.93 15.14
N PHE B 70 2.68 9.08 15.38
CA PHE B 70 3.38 9.34 16.64
C PHE B 70 3.29 10.81 17.01
N ASN B 71 3.15 11.12 18.30
CA ASN B 71 3.07 12.53 18.71
C ASN B 71 4.45 13.19 18.79
N ASN B 72 4.43 14.49 19.09
CA ASN B 72 5.64 15.32 19.15
C ASN B 72 6.75 14.84 20.11
N LEU B 73 6.40 14.08 21.14
CA LEU B 73 7.39 13.59 22.11
C LEU B 73 7.62 12.07 22.03
N GLU B 74 7.35 11.53 20.84
CA GLU B 74 7.69 10.16 20.51
C GLU B 74 8.60 10.11 19.27
N ARG B 75 9.57 11.03 19.19
CA ARG B 75 10.42 11.14 18.00
C ARG B 75 11.38 9.95 17.85
N ARG B 76 11.84 9.38 18.95
CA ARG B 76 12.75 8.23 18.87
C ARG B 76 12.08 7.01 18.21
N ILE B 77 10.87 6.68 18.65
CA ILE B 77 10.08 5.59 18.08
C ILE B 77 9.55 5.87 16.64
N GLU B 78 9.27 7.14 16.33
CA GLU B 78 8.86 7.48 14.99
C GLU B 78 10.01 7.20 14.01
N ASN B 79 11.21 7.55 14.43
CA ASN B 79 12.39 7.45 13.61
C ASN B 79 12.76 5.98 13.47
N LEU B 80 12.65 5.24 14.58
CA LEU B 80 12.85 3.80 14.59
C LEU B 80 11.92 3.15 13.59
N ASN B 81 10.67 3.62 13.56
CA ASN B 81 9.65 3.05 12.72
C ASN B 81 9.98 3.37 11.28
N LYS B 82 10.51 4.57 11.05
CA LYS B 82 10.86 5.02 9.72
C LYS B 82 12.00 4.16 9.19
N LYS B 83 13.11 4.11 9.94
CA LYS B 83 14.29 3.36 9.53
C LYS B 83 14.03 1.86 9.41
N MET B 84 13.11 1.34 10.20
CA MET B 84 12.68 -0.03 10.03
C MET B 84 11.92 -0.26 8.71
N GLU B 85 10.98 0.62 8.36
CA GLU B 85 10.18 0.42 7.15
C GLU B 85 11.03 0.60 5.90
N ASP B 86 11.90 1.61 5.93
CA ASP B 86 12.84 1.88 4.84
C ASP B 86 13.90 0.81 4.70
N GLY B 87 14.32 0.26 5.84
CA GLY B 87 15.31 -0.78 5.88
C GLY B 87 14.86 -1.99 5.11
N PHE B 88 13.63 -2.46 5.38
CA PHE B 88 13.04 -3.56 4.64
C PHE B 88 12.84 -3.23 3.16
N LEU B 89 12.28 -2.06 2.86
CA LEU B 89 12.07 -1.70 1.45
C LEU B 89 13.42 -1.68 0.67
N ASP B 90 14.50 -1.26 1.32
CA ASP B 90 15.84 -1.39 0.75
C ASP B 90 16.31 -2.85 0.56
N VAL B 91 16.19 -3.67 1.59
CA VAL B 91 16.47 -5.09 1.43
C VAL B 91 15.71 -5.72 0.24
N TRP B 92 14.41 -5.47 0.14
CA TRP B 92 13.62 -6.04 -0.95
C TRP B 92 13.94 -5.47 -2.35
N THR B 93 14.22 -4.18 -2.43
CA THR B 93 14.63 -3.55 -3.65
C THR B 93 15.93 -4.17 -4.14
N TYR B 94 16.88 -4.39 -3.24
CA TYR B 94 18.15 -5.01 -3.59
C TYR B 94 17.89 -6.47 -3.99
N ASN B 95 17.17 -7.22 -3.15
CA ASN B 95 16.78 -8.58 -3.53
C ASN B 95 16.21 -8.66 -4.95
N ALA B 96 15.26 -7.79 -5.27
CA ALA B 96 14.62 -7.81 -6.59
C ALA B 96 15.56 -7.39 -7.72
N GLU B 97 16.28 -6.29 -7.55
CA GLU B 97 17.24 -5.89 -8.59
C GLU B 97 18.34 -6.89 -8.90
N LEU B 98 18.74 -7.69 -7.91
CA LEU B 98 19.88 -8.55 -8.09
C LEU B 98 19.42 -9.85 -8.68
N LEU B 99 18.31 -10.36 -8.16
CA LEU B 99 17.70 -11.53 -8.72
C LEU B 99 17.52 -11.34 -10.25
N VAL B 100 17.01 -10.19 -10.66
CA VAL B 100 16.81 -9.91 -12.07
C VAL B 100 18.13 -9.86 -12.88
N LEU B 101 19.09 -9.08 -12.39
CA LEU B 101 20.44 -9.04 -12.91
C LEU B 101 21.08 -10.44 -13.05
N MET B 102 21.05 -11.25 -11.99
CA MET B 102 21.74 -12.53 -12.05
C MET B 102 21.03 -13.48 -12.96
N GLU B 103 19.70 -13.48 -12.88
CA GLU B 103 18.89 -14.36 -13.69
C GLU B 103 18.86 -13.98 -15.16
N ASN B 104 18.84 -12.68 -15.45
CA ASN B 104 19.03 -12.23 -16.84
C ASN B 104 20.30 -12.80 -17.49
N GLU B 105 21.40 -12.78 -16.75
CA GLU B 105 22.60 -13.38 -17.25
C GLU B 105 22.44 -14.90 -17.39
N ARG B 106 21.78 -15.54 -16.43
CA ARG B 106 21.56 -16.98 -16.60
C ARG B 106 20.72 -17.33 -17.82
N THR B 107 19.67 -16.53 -18.08
CA THR B 107 18.82 -16.74 -19.24
C THR B 107 19.57 -16.60 -20.58
N LEU B 108 20.35 -15.53 -20.74
CA LEU B 108 21.14 -15.35 -21.96
C LEU B 108 22.06 -16.55 -22.26
N ASP B 109 22.79 -16.99 -21.23
CA ASP B 109 23.66 -18.16 -21.28
C ASP B 109 22.96 -19.48 -21.58
N PHE B 110 21.73 -19.64 -21.07
CA PHE B 110 20.89 -20.78 -21.33
C PHE B 110 20.57 -20.89 -22.82
N HIS B 111 20.18 -19.77 -23.43
CA HIS B 111 19.96 -19.73 -24.88
C HIS B 111 21.20 -20.11 -25.68
N ASP B 112 22.36 -19.60 -25.25
CA ASP B 112 23.66 -19.91 -25.84
C ASP B 112 23.90 -21.42 -25.78
N SER B 113 23.85 -21.98 -24.59
CA SER B 113 23.88 -23.41 -24.34
C SER B 113 22.96 -24.25 -25.23
N ASN B 114 21.67 -23.89 -25.26
CA ASN B 114 20.79 -24.57 -26.15
C ASN B 114 21.30 -24.52 -27.60
N VAL B 115 21.83 -23.36 -28.06
CA VAL B 115 22.29 -23.27 -29.44
C VAL B 115 23.50 -24.20 -29.65
N LYS B 116 24.46 -24.17 -28.72
CA LYS B 116 25.59 -25.07 -28.77
C LYS B 116 25.24 -26.56 -28.73
N ASN B 117 24.28 -26.91 -27.88
CA ASN B 117 23.88 -28.31 -27.79
C ASN B 117 23.26 -28.80 -29.10
N LEU B 118 22.48 -27.93 -29.72
CA LEU B 118 21.86 -28.25 -30.99
C LEU B 118 22.91 -28.34 -32.11
N TYR B 119 23.89 -27.45 -32.07
CA TYR B 119 24.98 -27.49 -33.01
C TYR B 119 25.71 -28.81 -32.89
N ASP B 120 26.01 -29.20 -31.64
CA ASP B 120 26.78 -30.42 -31.40
C ASP B 120 26.00 -31.68 -31.79
N LYS B 121 24.71 -31.70 -31.49
CA LYS B 121 23.84 -32.80 -31.92
C LYS B 121 23.99 -33.05 -33.42
N VAL B 122 23.93 -31.99 -34.23
CA VAL B 122 24.14 -32.14 -35.65
C VAL B 122 25.58 -32.52 -35.99
N ARG B 123 26.54 -31.88 -35.35
CA ARG B 123 27.93 -32.25 -35.59
C ARG B 123 28.18 -33.75 -35.36
N LEU B 124 27.63 -34.32 -34.29
CA LEU B 124 27.83 -35.74 -33.93
C LEU B 124 27.22 -36.74 -34.93
N GLN B 125 26.15 -36.34 -35.60
CA GLN B 125 25.60 -37.10 -36.71
C GLN B 125 26.41 -37.05 -37.98
N LEU B 126 26.80 -35.85 -38.37
CA LEU B 126 27.46 -35.69 -39.65
C LEU B 126 28.82 -36.34 -39.69
N ARG B 127 29.57 -36.16 -38.61
CA ARG B 127 30.87 -36.76 -38.51
C ARG B 127 31.71 -36.40 -39.73
N ASP B 128 32.30 -37.41 -40.33
CA ASP B 128 33.13 -37.26 -41.50
C ASP B 128 32.39 -36.76 -42.74
N ASN B 129 31.10 -37.09 -42.82
CA ASN B 129 30.34 -36.89 -44.06
C ASN B 129 30.17 -35.42 -44.46
N ALA B 130 30.72 -34.49 -43.68
CA ALA B 130 30.63 -33.06 -44.00
C ALA B 130 31.80 -32.24 -43.44
N LYS B 131 32.14 -31.14 -44.11
CA LYS B 131 33.17 -30.23 -43.63
C LYS B 131 32.55 -29.26 -42.63
N GLU B 132 33.10 -29.24 -41.42
CA GLU B 132 32.69 -28.25 -40.45
C GLU B 132 33.30 -26.91 -40.79
N LEU B 133 32.46 -25.96 -41.19
CA LEU B 133 32.93 -24.69 -41.75
C LEU B 133 33.50 -23.68 -40.78
N GLY B 134 33.14 -23.79 -39.49
CA GLY B 134 33.62 -22.88 -38.46
C GLY B 134 32.63 -21.81 -38.09
N ASN B 135 31.48 -21.77 -38.77
CA ASN B 135 30.57 -20.64 -38.66
C ASN B 135 29.13 -21.03 -38.32
N GLY B 136 28.94 -22.26 -37.86
CA GLY B 136 27.62 -22.78 -37.65
C GLY B 136 27.11 -23.66 -38.78
N CYS B 137 27.89 -23.78 -39.85
CA CYS B 137 27.47 -24.52 -41.05
C CYS B 137 28.30 -25.75 -41.35
N PHE B 138 27.64 -26.71 -41.98
CA PHE B 138 28.27 -27.94 -42.39
C PHE B 138 28.09 -28.08 -43.90
N GLU B 139 29.19 -28.22 -44.62
CA GLU B 139 29.17 -28.41 -46.05
C GLU B 139 29.31 -29.90 -46.39
N PHE B 140 28.28 -30.45 -47.02
CA PHE B 140 28.23 -31.88 -47.30
C PHE B 140 29.22 -32.34 -48.39
N TYR B 141 29.71 -33.57 -48.24
CA TYR B 141 30.60 -34.13 -49.24
C TYR B 141 29.81 -34.77 -50.38
N HIS B 142 28.71 -35.45 -50.04
CA HIS B 142 27.86 -36.04 -51.06
C HIS B 142 26.51 -35.32 -51.08
N LYS B 143 26.02 -34.99 -52.29
CA LYS B 143 24.76 -34.24 -52.48
C LYS B 143 23.66 -34.61 -51.49
N CYS B 144 22.99 -33.59 -50.95
CA CYS B 144 22.01 -33.79 -49.88
C CYS B 144 20.72 -33.03 -50.20
N ASP B 145 19.74 -33.77 -50.71
CA ASP B 145 18.45 -33.20 -51.10
C ASP B 145 17.59 -32.95 -49.86
N ASN B 146 16.37 -32.47 -50.07
CA ASN B 146 15.45 -32.15 -48.98
C ASN B 146 15.16 -33.26 -48.00
N GLU B 147 15.07 -34.50 -48.48
CA GLU B 147 14.76 -35.60 -47.58
C GLU B 147 15.96 -35.99 -46.71
N CYS B 148 17.15 -35.90 -47.32
CA CYS B 148 18.44 -36.00 -46.63
C CYS B 148 18.57 -34.88 -45.60
N MET B 149 18.22 -33.68 -46.05
CA MET B 149 18.17 -32.52 -45.21
C MET B 149 17.19 -32.75 -44.06
N GLU B 150 15.96 -33.17 -44.35
CA GLU B 150 14.99 -33.50 -43.29
C GLU B 150 15.58 -34.51 -42.31
N SER B 151 16.41 -35.40 -42.85
CA SER B 151 17.06 -36.47 -42.11
C SER B 151 18.00 -35.99 -41.00
N VAL B 152 18.78 -34.95 -41.28
CA VAL B 152 19.61 -34.31 -40.25
C VAL B 152 18.72 -33.70 -39.18
N ARG B 153 17.67 -32.98 -39.60
CA ARG B 153 16.77 -32.29 -38.68
C ARG B 153 16.07 -33.16 -37.65
N ASN B 154 15.68 -34.37 -38.03
CA ASN B 154 14.93 -35.24 -37.11
C ASN B 154 15.82 -36.19 -36.29
N GLY B 155 17.08 -36.32 -36.72
CA GLY B 155 18.10 -37.07 -35.99
C GLY B 155 18.30 -38.47 -36.49
N THR B 156 18.28 -38.62 -37.81
CA THR B 156 18.51 -39.86 -38.49
C THR B 156 19.44 -39.50 -39.61
N TYR B 157 20.56 -40.16 -39.76
CA TYR B 157 21.38 -39.84 -40.91
C TYR B 157 22.32 -40.95 -41.35
N ASP B 158 22.74 -40.89 -42.61
CA ASP B 158 23.73 -41.80 -43.15
C ASP B 158 23.16 -42.85 -44.09
C1 SIA C . -16.61 32.69 23.48
C2 SIA C . -17.03 33.47 24.69
C3 SIA C . -18.57 33.50 24.80
C4 SIA C . -19.15 32.21 25.38
C5 SIA C . -18.47 31.84 26.70
C6 SIA C . -16.94 31.78 26.50
C7 SIA C . -16.23 31.51 27.84
C8 SIA C . -14.76 31.08 27.68
C9 SIA C . -14.30 30.24 28.88
C10 SIA C . -19.37 30.08 28.19
C11 SIA C . -19.72 28.64 28.30
N5 SIA C . -18.88 30.47 27.01
O1A SIA C . -17.34 32.75 22.47
O1B SIA C . -15.53 32.06 23.52
O4 SIA C . -20.57 32.33 25.55
O6 SIA C . -16.43 32.98 25.91
O7 SIA C . -16.30 32.66 28.69
O8 SIA C . -14.57 30.33 26.48
O9 SIA C . -12.99 29.70 28.64
O10 SIA C . -19.52 30.86 29.13
O3 GAL D . -16.58 34.80 24.47
C1 NAG E . 8.86 -5.30 -36.06
C2 NAG E . 7.36 -5.47 -35.89
C3 NAG E . 6.64 -4.86 -37.07
C4 NAG E . 7.04 -3.40 -37.23
C5 NAG E . 8.55 -3.26 -37.25
C6 NAG E . 8.93 -1.78 -37.20
C7 NAG E . 7.27 -7.63 -36.91
C8 NAG E . 6.46 -8.89 -36.99
N2 NAG E . 7.05 -6.87 -35.84
O3 NAG E . 5.22 -4.96 -36.91
O4 NAG E . 6.50 -2.92 -38.46
O5 NAG E . 9.15 -3.92 -36.13
O6 NAG E . 8.90 -1.36 -35.83
O7 NAG E . 8.09 -7.30 -37.75
C1 NAG F . 21.63 2.26 -20.93
C2 NAG F . 22.58 3.34 -20.48
C3 NAG F . 21.83 4.49 -19.83
C4 NAG F . 20.77 4.99 -20.78
C5 NAG F . 19.86 3.84 -21.14
C6 NAG F . 18.77 4.29 -22.10
C7 NAG F . 24.76 2.46 -19.89
C8 NAG F . 25.75 2.30 -18.77
N2 NAG F . 23.54 2.80 -19.53
O3 NAG F . 22.71 5.58 -19.56
O4 NAG F . 20.03 6.03 -20.12
O5 NAG F . 20.64 2.83 -21.78
O6 NAG F . 17.48 4.04 -21.53
O7 NAG F . 25.07 2.29 -21.04
#